data_1M0J
#
_entry.id   1M0J
#
loop_
_entity.id
_entity.type
_entity.pdbx_description
1 polymer 'metallothionein MT_nc'
2 non-polymer 'CADMIUM ION'
#
_entity_poly.entity_id   1
_entity_poly.type   'polypeptide(L)'
_entity_poly.pdbx_seq_one_letter_code
;DPCECSKSGTCNCGGSCTCTNCSCKSCK
;
_entity_poly.pdbx_strand_id   A
#
# COMPACT_ATOMS: atom_id res chain seq x y z
N ASP A 1 0.19 12.71 -4.66
CA ASP A 1 1.24 11.79 -4.25
C ASP A 1 0.67 10.37 -4.20
N PRO A 2 1.38 9.44 -4.88
CA PRO A 2 0.95 8.04 -4.92
C PRO A 2 1.25 7.35 -3.59
N CYS A 3 0.68 6.16 -3.44
CA CYS A 3 0.87 5.38 -2.23
C CYS A 3 2.28 4.76 -2.28
N GLU A 4 2.88 4.63 -1.11
CA GLU A 4 4.21 4.06 -1.00
C GLU A 4 4.28 2.75 -1.80
N CYS A 5 3.12 2.11 -1.96
CA CYS A 5 3.02 0.86 -2.69
C CYS A 5 3.44 1.09 -4.13
N SER A 6 2.72 1.96 -4.83
CA SER A 6 3.04 2.25 -6.22
C SER A 6 4.32 3.08 -6.31
N LYS A 7 4.51 3.92 -5.29
CA LYS A 7 5.68 4.78 -5.24
C LYS A 7 6.94 3.90 -5.11
N SER A 8 7.13 3.36 -3.93
CA SER A 8 8.28 2.51 -3.67
C SER A 8 8.48 1.55 -4.83
N GLY A 9 7.43 0.85 -5.20
CA GLY A 9 7.49 -0.10 -6.29
C GLY A 9 7.12 -1.51 -5.83
N THR A 10 7.39 -1.76 -4.56
CA THR A 10 7.09 -3.06 -3.98
C THR A 10 6.14 -2.90 -2.79
N CYS A 11 4.87 -3.21 -3.04
CA CYS A 11 3.86 -3.12 -2.01
C CYS A 11 4.32 -3.94 -0.81
N ASN A 12 3.85 -3.52 0.37
CA ASN A 12 4.21 -4.21 1.59
C ASN A 12 3.03 -4.14 2.57
N CYS A 13 1.87 -4.60 2.09
CA CYS A 13 0.66 -4.62 2.88
C CYS A 13 0.37 -6.04 3.36
N GLY A 14 1.43 -6.76 3.73
CA GLY A 14 1.27 -8.12 4.20
C GLY A 14 1.09 -8.15 5.72
N GLY A 15 -0.18 -8.20 6.13
CA GLY A 15 -0.50 -8.23 7.55
C GLY A 15 -1.47 -7.10 7.91
N SER A 16 -0.91 -5.91 8.09
CA SER A 16 -1.71 -4.75 8.44
C SER A 16 -1.35 -3.57 7.54
N CYS A 17 -2.35 -2.76 7.25
CA CYS A 17 -2.15 -1.60 6.40
C CYS A 17 -1.78 -0.41 7.30
N THR A 18 -0.84 0.39 6.82
CA THR A 18 -0.40 1.56 7.57
C THR A 18 -0.34 2.78 6.65
N CYS A 19 0.17 2.55 5.45
CA CYS A 19 0.29 3.63 4.48
C CYS A 19 -1.08 4.29 4.32
N THR A 20 -1.07 5.44 3.66
CA THR A 20 -2.31 6.17 3.43
C THR A 20 -2.69 6.13 1.95
N ASN A 21 -3.94 6.45 1.69
CA ASN A 21 -4.45 6.44 0.32
C ASN A 21 -3.96 5.19 -0.40
N CYS A 22 -4.36 4.04 0.14
CA CYS A 22 -3.99 2.76 -0.44
C CYS A 22 -5.07 2.28 -1.38
N SER A 23 -4.84 1.15 -2.04
CA SER A 23 -5.82 0.61 -2.97
C SER A 23 -5.40 -0.80 -3.40
N CYS A 24 -5.01 -1.59 -2.42
CA CYS A 24 -4.59 -2.96 -2.69
C CYS A 24 -5.69 -3.90 -2.20
N LYS A 25 -5.78 -5.04 -2.88
CA LYS A 25 -6.78 -6.03 -2.52
C LYS A 25 -6.25 -6.92 -1.39
N SER A 26 -4.98 -6.69 -1.06
CA SER A 26 -4.34 -7.46 -0.01
C SER A 26 -4.53 -6.77 1.34
N CYS A 27 -5.33 -5.71 1.32
CA CYS A 27 -5.61 -4.95 2.52
C CYS A 27 -7.06 -4.47 2.47
N LYS A 28 -7.42 -3.91 1.33
CA LYS A 28 -8.77 -3.40 1.13
C LYS A 28 -9.68 -4.56 0.73
N ASP A 1 -4.09 11.08 -6.17
CA ASP A 1 -2.80 10.93 -5.51
C ASP A 1 -2.53 9.45 -5.26
N PRO A 2 -1.35 8.99 -5.75
CA PRO A 2 -0.95 7.60 -5.58
C PRO A 2 -0.50 7.33 -4.14
N CYS A 3 -0.39 6.05 -3.82
CA CYS A 3 0.02 5.64 -2.48
C CYS A 3 1.31 4.84 -2.60
N GLU A 4 2.07 4.84 -1.53
CA GLU A 4 3.34 4.13 -1.49
C GLU A 4 3.25 2.93 -0.55
N CYS A 5 2.67 1.84 -1.05
CA CYS A 5 2.50 0.64 -0.27
C CYS A 5 3.82 0.27 0.39
N SER A 6 4.87 0.14 -0.40
CA SER A 6 6.18 -0.20 0.14
C SER A 6 7.22 0.82 -0.34
N LYS A 7 6.75 1.78 -1.11
CA LYS A 7 7.63 2.82 -1.64
C LYS A 7 8.53 2.21 -2.72
N SER A 8 9.29 1.21 -2.32
CA SER A 8 10.19 0.55 -3.25
C SER A 8 9.53 0.40 -4.62
N GLY A 9 8.22 0.19 -4.59
CA GLY A 9 7.46 0.05 -5.82
C GLY A 9 6.82 -1.33 -5.89
N THR A 10 6.42 -1.84 -4.73
CA THR A 10 5.80 -3.16 -4.66
C THR A 10 4.83 -3.21 -3.48
N CYS A 11 3.56 -3.42 -3.80
CA CYS A 11 2.53 -3.49 -2.79
C CYS A 11 2.92 -4.58 -1.79
N ASN A 12 2.87 -4.22 -0.52
CA ASN A 12 3.22 -5.16 0.53
C ASN A 12 2.31 -4.91 1.75
N CYS A 13 1.00 -4.91 1.49
CA CYS A 13 0.01 -4.69 2.52
C CYS A 13 -0.36 -6.01 3.15
N GLY A 14 0.60 -6.92 3.24
CA GLY A 14 0.35 -8.22 3.84
C GLY A 14 0.66 -8.22 5.33
N GLY A 15 1.67 -7.43 5.69
CA GLY A 15 2.07 -7.32 7.08
C GLY A 15 1.41 -6.11 7.76
N SER A 16 1.61 -4.96 7.16
CA SER A 16 1.03 -3.73 7.69
C SER A 16 1.02 -2.65 6.61
N CYS A 17 -0.03 -1.83 6.64
CA CYS A 17 -0.16 -0.76 5.67
C CYS A 17 0.56 0.47 6.22
N THR A 18 1.19 1.20 5.31
CA THR A 18 1.92 2.41 5.68
C THR A 18 1.34 3.62 4.96
N CYS A 19 0.41 3.35 4.04
CA CYS A 19 -0.22 4.42 3.29
C CYS A 19 -1.59 4.69 3.91
N THR A 20 -1.93 5.97 3.97
CA THR A 20 -3.20 6.38 4.55
C THR A 20 -4.29 6.35 3.48
N ASN A 21 -3.89 6.61 2.24
CA ASN A 21 -4.82 6.59 1.13
C ASN A 21 -4.43 5.51 0.13
N CYS A 22 -4.57 4.26 0.59
CA CYS A 22 -4.24 3.10 -0.22
C CYS A 22 -5.27 2.95 -1.34
N SER A 23 -5.01 2.04 -2.26
CA SER A 23 -5.93 1.82 -3.38
C SER A 23 -5.56 0.54 -4.12
N CYS A 24 -5.44 -0.54 -3.36
CA CYS A 24 -5.09 -1.82 -3.94
C CYS A 24 -6.14 -2.85 -3.52
N LYS A 25 -6.10 -4.00 -4.17
CA LYS A 25 -7.04 -5.06 -3.88
C LYS A 25 -6.42 -6.02 -2.85
N SER A 26 -5.14 -5.80 -2.57
CA SER A 26 -4.43 -6.61 -1.62
C SER A 26 -4.47 -5.97 -0.24
N CYS A 27 -5.34 -4.97 -0.11
CA CYS A 27 -5.48 -4.27 1.15
C CYS A 27 -6.97 -4.20 1.49
N LYS A 28 -7.76 -3.78 0.51
CA LYS A 28 -9.19 -3.67 0.70
C LYS A 28 -9.88 -4.89 0.09
N ASP A 1 -0.49 6.97 -10.99
CA ASP A 1 0.58 6.79 -10.01
C ASP A 1 0.07 5.94 -8.85
N PRO A 2 0.88 4.91 -8.49
CA PRO A 2 0.52 4.02 -7.40
C PRO A 2 0.73 4.70 -6.04
N CYS A 3 0.19 4.07 -5.02
CA CYS A 3 0.30 4.60 -3.67
C CYS A 3 1.70 4.29 -3.15
N GLU A 4 2.20 5.17 -2.30
CA GLU A 4 3.53 5.00 -1.72
C GLU A 4 3.48 4.01 -0.56
N CYS A 5 3.09 2.77 -0.89
CA CYS A 5 3.00 1.71 0.09
C CYS A 5 4.36 1.49 0.73
N SER A 6 5.34 1.06 -0.06
CA SER A 6 6.67 0.82 0.46
C SER A 6 7.56 2.03 0.20
N LYS A 7 7.01 2.99 -0.53
CA LYS A 7 7.75 4.20 -0.86
C LYS A 7 8.60 3.95 -2.10
N SER A 8 9.43 2.92 -2.02
CA SER A 8 10.31 2.57 -3.12
C SER A 8 9.58 2.78 -4.45
N GLY A 9 8.28 2.57 -4.42
CA GLY A 9 7.45 2.73 -5.60
C GLY A 9 6.80 1.42 -6.00
N THR A 10 6.50 0.60 -4.99
CA THR A 10 5.87 -0.69 -5.22
C THR A 10 4.95 -1.05 -4.06
N CYS A 11 3.75 -1.47 -4.40
CA CYS A 11 2.77 -1.84 -3.40
C CYS A 11 3.39 -2.92 -2.50
N ASN A 12 3.12 -2.80 -1.21
CA ASN A 12 3.64 -3.74 -0.25
C ASN A 12 2.63 -3.92 0.88
N CYS A 13 1.39 -4.24 0.49
CA CYS A 13 0.31 -4.44 1.44
C CYS A 13 0.03 -5.93 1.57
N GLY A 14 1.07 -6.75 1.50
CA GLY A 14 0.90 -8.19 1.62
C GLY A 14 1.08 -8.66 3.07
N GLY A 15 0.06 -8.36 3.87
CA GLY A 15 0.10 -8.75 5.27
C GLY A 15 -0.62 -7.71 6.14
N SER A 16 -0.02 -6.53 6.22
CA SER A 16 -0.59 -5.45 7.00
C SER A 16 -0.37 -4.11 6.30
N CYS A 17 -1.36 -3.24 6.44
CA CYS A 17 -1.29 -1.93 5.83
C CYS A 17 -0.85 -0.92 6.88
N THR A 18 0.01 0.00 6.47
CA THR A 18 0.51 1.02 7.36
C THR A 18 0.27 2.41 6.77
N CYS A 19 0.41 2.49 5.46
CA CYS A 19 0.22 3.75 4.77
C CYS A 19 -1.25 4.13 4.87
N THR A 20 -1.54 5.37 4.50
CA THR A 20 -2.90 5.87 4.55
C THR A 20 -3.43 6.14 3.13
N ASN A 21 -4.69 6.50 3.07
CA ASN A 21 -5.33 6.78 1.78
C ASN A 21 -4.88 5.74 0.76
N CYS A 22 -4.94 4.48 1.19
CA CYS A 22 -4.55 3.36 0.34
C CYS A 22 -5.78 2.77 -0.33
N SER A 23 -5.58 1.85 -1.26
CA SER A 23 -6.69 1.25 -1.96
C SER A 23 -6.18 0.14 -2.89
N CYS A 24 -5.69 -0.93 -2.27
CA CYS A 24 -5.17 -2.06 -3.02
C CYS A 24 -5.96 -3.30 -2.64
N LYS A 25 -5.69 -3.79 -1.44
CA LYS A 25 -6.37 -4.97 -0.94
C LYS A 25 -5.90 -5.27 0.48
N SER A 26 -6.84 -5.61 1.34
CA SER A 26 -6.53 -5.92 2.72
C SER A 26 -6.38 -4.63 3.53
N CYS A 27 -6.74 -3.52 2.89
CA CYS A 27 -6.64 -2.23 3.54
C CYS A 27 -8.05 -1.66 3.69
N LYS A 28 -8.74 -1.55 2.56
CA LYS A 28 -10.09 -1.03 2.55
C LYS A 28 -11.00 -1.98 1.77
N ASP A 1 -0.20 12.84 -5.78
CA ASP A 1 0.64 12.02 -4.93
C ASP A 1 0.30 10.55 -5.16
N PRO A 2 1.36 9.75 -5.44
CA PRO A 2 1.19 8.32 -5.68
C PRO A 2 0.93 7.58 -4.36
N CYS A 3 0.57 6.31 -4.51
CA CYS A 3 0.30 5.48 -3.35
C CYS A 3 1.63 5.03 -2.75
N GLU A 4 1.56 4.56 -1.52
CA GLU A 4 2.75 4.10 -0.81
C GLU A 4 2.94 2.60 -1.02
N CYS A 5 2.32 2.10 -2.09
CA CYS A 5 2.41 0.69 -2.43
C CYS A 5 3.82 0.35 -2.86
N SER A 6 4.23 0.83 -4.03
CA SER A 6 5.57 0.56 -4.53
C SER A 6 6.52 1.66 -4.07
N LYS A 7 5.97 2.61 -3.34
CA LYS A 7 6.76 3.73 -2.83
C LYS A 7 8.02 3.18 -2.16
N SER A 8 7.81 2.26 -1.23
CA SER A 8 8.91 1.66 -0.51
C SER A 8 9.82 0.90 -1.48
N GLY A 9 9.25 0.55 -2.62
CA GLY A 9 9.99 -0.17 -3.63
C GLY A 9 9.09 -1.14 -4.40
N THR A 10 7.99 -1.53 -3.74
CA THR A 10 7.04 -2.44 -4.33
C THR A 10 5.88 -2.69 -3.38
N CYS A 11 4.68 -2.71 -3.95
CA CYS A 11 3.48 -2.94 -3.16
C CYS A 11 3.77 -4.05 -2.15
N ASN A 12 3.44 -3.76 -0.90
CA ASN A 12 3.66 -4.72 0.18
C ASN A 12 2.50 -4.65 1.16
N CYS A 13 1.29 -4.77 0.62
CA CYS A 13 0.07 -4.72 1.42
C CYS A 13 -0.21 -6.11 1.99
N GLY A 14 0.78 -6.99 1.92
CA GLY A 14 0.60 -8.35 2.43
C GLY A 14 1.34 -8.53 3.76
N GLY A 15 1.27 -7.50 4.59
CA GLY A 15 1.93 -7.54 5.88
C GLY A 15 1.35 -6.47 6.82
N SER A 16 1.29 -5.25 6.31
CA SER A 16 0.77 -4.14 7.09
C SER A 16 0.73 -2.88 6.23
N CYS A 17 -0.44 -2.64 5.65
CA CYS A 17 -0.62 -1.48 4.80
C CYS A 17 0.02 -0.27 5.49
N THR A 18 0.54 0.64 4.67
CA THR A 18 1.19 1.82 5.19
C THR A 18 0.50 3.08 4.64
N CYS A 19 -0.01 2.95 3.43
CA CYS A 19 -0.70 4.07 2.79
C CYS A 19 -2.09 4.21 3.40
N THR A 20 -2.49 5.45 3.60
CA THR A 20 -3.80 5.72 4.17
C THR A 20 -4.88 5.63 3.11
N ASN A 21 -4.73 6.43 2.07
CA ASN A 21 -5.69 6.44 0.98
C ASN A 21 -5.34 5.33 -0.01
N CYS A 22 -5.27 4.10 0.52
CA CYS A 22 -4.98 2.94 -0.28
C CYS A 22 -6.26 2.26 -0.72
N SER A 23 -6.14 1.28 -1.61
CA SER A 23 -7.32 0.58 -2.10
C SER A 23 -6.89 -0.71 -2.81
N CYS A 24 -6.04 -1.47 -2.14
CA CYS A 24 -5.55 -2.72 -2.71
C CYS A 24 -6.51 -3.84 -2.30
N LYS A 25 -6.20 -4.46 -1.18
CA LYS A 25 -7.03 -5.55 -0.67
C LYS A 25 -6.42 -6.06 0.65
N SER A 26 -7.31 -6.35 1.59
CA SER A 26 -6.89 -6.85 2.89
C SER A 26 -6.27 -5.71 3.71
N CYS A 27 -6.37 -4.50 3.15
CA CYS A 27 -5.83 -3.33 3.82
C CYS A 27 -6.95 -2.31 3.97
N LYS A 28 -7.64 -2.06 2.86
CA LYS A 28 -8.74 -1.11 2.85
C LYS A 28 -9.90 -1.69 2.06
N ASP A 1 0.07 12.78 -6.37
CA ASP A 1 1.05 11.82 -5.88
C ASP A 1 0.33 10.64 -5.24
N PRO A 2 0.66 9.42 -5.74
CA PRO A 2 0.06 8.21 -5.22
C PRO A 2 0.63 7.84 -3.84
N CYS A 3 -0.01 6.87 -3.21
CA CYS A 3 0.43 6.43 -1.90
C CYS A 3 1.69 5.58 -2.07
N GLU A 4 2.46 5.52 -1.00
CA GLU A 4 3.70 4.75 -1.03
C GLU A 4 3.40 3.25 -1.06
N CYS A 5 2.72 2.84 -2.14
CA CYS A 5 2.36 1.45 -2.34
C CYS A 5 3.61 0.64 -2.64
N SER A 6 4.14 0.80 -3.84
CA SER A 6 5.34 0.06 -4.23
C SER A 6 6.50 1.03 -4.44
N LYS A 7 6.33 2.23 -3.92
CA LYS A 7 7.35 3.26 -4.05
C LYS A 7 8.72 2.65 -3.73
N SER A 8 8.82 2.14 -2.51
CA SER A 8 10.06 1.52 -2.06
C SER A 8 10.52 0.47 -3.06
N GLY A 9 9.55 -0.03 -3.82
CA GLY A 9 9.84 -1.05 -4.83
C GLY A 9 9.10 -2.35 -4.51
N THR A 10 7.97 -2.21 -3.84
CA THR A 10 7.17 -3.36 -3.47
C THR A 10 5.92 -2.91 -2.70
N CYS A 11 4.77 -3.35 -3.19
CA CYS A 11 3.51 -3.02 -2.55
C CYS A 11 3.64 -3.27 -1.05
N ASN A 12 3.18 -2.30 -0.28
CA ASN A 12 3.24 -2.41 1.17
C ASN A 12 1.95 -3.04 1.68
N CYS A 13 1.21 -3.65 0.76
CA CYS A 13 -0.05 -4.29 1.08
C CYS A 13 0.15 -5.81 1.15
N GLY A 14 1.27 -6.22 1.71
CA GLY A 14 1.56 -7.65 1.82
C GLY A 14 1.69 -8.06 3.29
N GLY A 15 0.61 -7.84 4.03
CA GLY A 15 0.59 -8.19 5.44
C GLY A 15 -0.14 -7.12 6.26
N SER A 16 0.29 -5.88 6.09
CA SER A 16 -0.32 -4.77 6.79
C SER A 16 -0.01 -3.45 6.07
N CYS A 17 -0.98 -3.02 5.27
CA CYS A 17 -0.83 -1.80 4.51
C CYS A 17 -0.19 -0.75 5.42
N THR A 18 0.59 0.14 4.80
CA THR A 18 1.26 1.19 5.55
C THR A 18 0.82 2.57 5.04
N CYS A 19 0.10 2.54 3.92
CA CYS A 19 -0.39 3.78 3.33
C CYS A 19 -1.86 3.92 3.68
N THR A 20 -2.33 5.17 3.60
CA THR A 20 -3.72 5.46 3.91
C THR A 20 -4.52 5.69 2.62
N ASN A 21 -5.82 5.84 2.78
CA ASN A 21 -6.70 6.07 1.64
C ASN A 21 -6.32 5.11 0.51
N CYS A 22 -5.89 3.91 0.90
CA CYS A 22 -5.50 2.89 -0.04
C CYS A 22 -6.71 2.03 -0.40
N SER A 23 -6.56 1.18 -1.39
CA SER A 23 -7.65 0.32 -1.81
C SER A 23 -7.09 -0.91 -2.55
N CYS A 24 -5.94 -1.36 -2.11
CA CYS A 24 -5.29 -2.51 -2.72
C CYS A 24 -5.99 -3.77 -2.20
N LYS A 25 -5.47 -4.29 -1.10
CA LYS A 25 -6.03 -5.49 -0.49
C LYS A 25 -5.53 -5.61 0.95
N SER A 26 -6.42 -6.07 1.80
CA SER A 26 -6.09 -6.24 3.21
C SER A 26 -6.02 -4.88 3.90
N CYS A 27 -6.41 -3.85 3.15
CA CYS A 27 -6.39 -2.50 3.68
C CYS A 27 -7.81 -1.95 3.62
N LYS A 28 -8.43 -2.09 2.46
CA LYS A 28 -9.79 -1.63 2.27
C LYS A 28 -10.65 -2.77 1.73
N ASP A 1 4.12 11.79 -2.89
CA ASP A 1 3.03 10.90 -3.26
C ASP A 1 2.80 9.87 -2.16
N PRO A 2 1.50 9.75 -1.76
CA PRO A 2 1.13 8.80 -0.72
C PRO A 2 1.15 7.36 -1.25
N CYS A 3 1.19 6.43 -0.30
CA CYS A 3 1.21 5.02 -0.66
C CYS A 3 2.50 4.74 -1.45
N GLU A 4 3.08 3.58 -1.17
CA GLU A 4 4.31 3.17 -1.84
C GLU A 4 4.08 1.92 -2.68
N CYS A 5 2.89 1.34 -2.49
CA CYS A 5 2.50 0.13 -3.22
C CYS A 5 2.53 0.40 -4.71
N SER A 6 1.71 1.35 -5.16
CA SER A 6 1.66 1.68 -6.57
C SER A 6 2.80 2.64 -6.93
N LYS A 7 3.14 3.48 -5.96
CA LYS A 7 4.21 4.45 -6.16
C LYS A 7 5.56 3.73 -6.13
N SER A 8 6.13 3.66 -4.94
CA SER A 8 7.41 3.01 -4.77
C SER A 8 7.47 1.73 -5.61
N GLY A 9 6.44 0.92 -5.47
CA GLY A 9 6.35 -0.33 -6.22
C GLY A 9 6.75 -1.51 -5.34
N THR A 10 6.47 -1.37 -4.05
CA THR A 10 6.79 -2.42 -3.09
C THR A 10 5.70 -2.51 -2.02
N CYS A 11 4.62 -3.19 -2.37
CA CYS A 11 3.51 -3.37 -1.46
C CYS A 11 4.05 -3.97 -0.16
N ASN A 12 3.55 -3.43 0.96
CA ASN A 12 3.98 -3.90 2.26
C ASN A 12 2.77 -3.95 3.19
N CYS A 13 1.69 -4.55 2.68
CA CYS A 13 0.46 -4.68 3.43
C CYS A 13 0.28 -6.13 3.85
N GLY A 14 1.35 -6.77 4.30
CA GLY A 14 1.28 -8.15 4.71
C GLY A 14 1.20 -8.26 6.24
N GLY A 15 0.26 -7.50 6.80
CA GLY A 15 0.07 -7.51 8.24
C GLY A 15 -0.64 -6.23 8.70
N SER A 16 -0.06 -5.10 8.33
CA SER A 16 -0.61 -3.82 8.70
C SER A 16 -0.36 -2.80 7.58
N CYS A 17 -1.29 -1.87 7.44
CA CYS A 17 -1.19 -0.85 6.41
C CYS A 17 -0.78 0.46 7.10
N THR A 18 0.09 1.20 6.40
CA THR A 18 0.56 2.47 6.93
C THR A 18 0.17 3.60 5.98
N CYS A 19 -0.13 3.24 4.74
CA CYS A 19 -0.52 4.22 3.74
C CYS A 19 -2.04 4.33 3.75
N THR A 20 -2.52 5.47 3.26
CA THR A 20 -3.95 5.72 3.20
C THR A 20 -4.45 5.62 1.76
N ASN A 21 -3.64 6.14 0.84
CA ASN A 21 -3.98 6.11 -0.56
C ASN A 21 -3.58 4.75 -1.15
N CYS A 22 -4.14 3.69 -0.58
CA CYS A 22 -3.86 2.34 -1.03
C CYS A 22 -4.91 1.91 -2.04
N SER A 23 -4.83 0.67 -2.49
CA SER A 23 -5.78 0.16 -3.46
C SER A 23 -5.50 -1.32 -3.75
N CYS A 24 -4.24 -1.69 -3.59
CA CYS A 24 -3.83 -3.07 -3.82
C CYS A 24 -4.96 -3.99 -3.36
N LYS A 25 -5.26 -4.96 -4.21
CA LYS A 25 -6.31 -5.92 -3.90
C LYS A 25 -5.86 -6.81 -2.73
N SER A 26 -4.58 -6.71 -2.42
CA SER A 26 -4.01 -7.50 -1.32
C SER A 26 -4.19 -6.74 0.00
N CYS A 27 -5.00 -5.70 -0.06
CA CYS A 27 -5.25 -4.89 1.12
C CYS A 27 -6.68 -5.15 1.59
N LYS A 28 -7.63 -4.79 0.73
CA LYS A 28 -9.03 -4.99 1.03
C LYS A 28 -9.61 -6.07 0.11
N ASP A 1 -1.81 10.17 -7.84
CA ASP A 1 -0.75 10.00 -6.87
C ASP A 1 -0.72 8.56 -6.37
N PRO A 2 0.47 7.92 -6.55
CA PRO A 2 0.64 6.53 -6.13
C PRO A 2 0.75 6.42 -4.60
N CYS A 3 0.64 5.20 -4.12
CA CYS A 3 0.73 4.95 -2.69
C CYS A 3 2.12 4.41 -2.38
N GLU A 4 2.52 4.56 -1.13
CA GLU A 4 3.83 4.08 -0.70
C GLU A 4 4.08 2.67 -1.22
N CYS A 5 2.98 1.95 -1.46
CA CYS A 5 3.04 0.59 -1.96
C CYS A 5 3.83 0.57 -3.26
N SER A 6 3.37 1.33 -4.24
CA SER A 6 4.05 1.38 -5.52
C SER A 6 5.24 2.35 -5.46
N LYS A 7 5.09 3.35 -4.61
CA LYS A 7 6.14 4.34 -4.45
C LYS A 7 7.43 3.64 -4.01
N SER A 8 7.35 2.98 -2.87
CA SER A 8 8.50 2.27 -2.33
C SER A 8 9.09 1.34 -3.40
N GLY A 9 8.20 0.64 -4.07
CA GLY A 9 8.61 -0.28 -5.12
C GLY A 9 7.95 -1.65 -4.94
N THR A 10 7.73 -2.01 -3.69
CA THR A 10 7.11 -3.29 -3.37
C THR A 10 6.05 -3.11 -2.27
N CYS A 11 4.81 -3.31 -2.66
CA CYS A 11 3.69 -3.18 -1.73
C CYS A 11 4.05 -3.93 -0.45
N ASN A 12 4.50 -3.16 0.54
CA ASN A 12 4.87 -3.75 1.82
C ASN A 12 3.68 -3.68 2.78
N CYS A 13 2.49 -3.56 2.18
CA CYS A 13 1.26 -3.49 2.95
C CYS A 13 0.46 -4.78 2.75
N GLY A 14 0.92 -5.63 1.86
CA GLY A 14 0.23 -6.88 1.59
C GLY A 14 -0.22 -7.54 2.89
N GLY A 15 0.69 -7.57 3.86
CA GLY A 15 0.39 -8.16 5.15
C GLY A 15 -0.11 -7.11 6.13
N SER A 16 0.84 -6.34 6.67
CA SER A 16 0.51 -5.30 7.61
C SER A 16 0.40 -3.95 6.90
N CYS A 17 -0.84 -3.48 6.82
CA CYS A 17 -1.11 -2.21 6.16
C CYS A 17 -0.94 -1.09 7.19
N THR A 18 -0.77 0.13 6.68
CA THR A 18 -0.60 1.28 7.55
C THR A 18 -0.89 2.57 6.77
N CYS A 19 -0.40 2.60 5.53
CA CYS A 19 -0.60 3.76 4.68
C CYS A 19 -2.08 4.15 4.73
N THR A 20 -2.32 5.45 4.87
CA THR A 20 -3.68 5.95 4.92
C THR A 20 -4.26 6.09 3.51
N ASN A 21 -3.48 6.72 2.64
CA ASN A 21 -3.90 6.92 1.26
C ASN A 21 -3.57 5.67 0.45
N CYS A 22 -4.12 4.53 0.91
CA CYS A 22 -3.91 3.27 0.26
C CYS A 22 -5.07 2.98 -0.68
N SER A 23 -4.97 1.91 -1.46
CA SER A 23 -6.02 1.56 -2.39
C SER A 23 -5.69 0.23 -3.08
N CYS A 24 -5.04 -0.65 -2.31
CA CYS A 24 -4.66 -1.95 -2.84
C CYS A 24 -5.94 -2.77 -3.04
N LYS A 25 -6.21 -3.63 -2.07
CA LYS A 25 -7.39 -4.48 -2.13
C LYS A 25 -7.27 -5.58 -1.07
N SER A 26 -6.03 -5.97 -0.80
CA SER A 26 -5.77 -7.00 0.19
C SER A 26 -5.69 -6.40 1.58
N CYS A 27 -6.17 -5.16 1.68
CA CYS A 27 -6.16 -4.46 2.96
C CYS A 27 -7.54 -3.81 3.15
N LYS A 28 -7.96 -3.07 2.13
CA LYS A 28 -9.24 -2.38 2.18
C LYS A 28 -10.30 -3.28 1.54
N ASP A 1 0.21 2.57 -9.53
CA ASP A 1 -0.16 2.01 -8.24
C ASP A 1 -0.72 3.12 -7.35
N PRO A 2 -1.87 2.82 -6.70
CA PRO A 2 -2.51 3.79 -5.83
C PRO A 2 -1.76 3.90 -4.50
N CYS A 3 -1.89 5.07 -3.89
CA CYS A 3 -1.23 5.33 -2.62
C CYS A 3 0.28 5.11 -2.80
N GLU A 4 1.04 5.60 -1.83
CA GLU A 4 2.48 5.45 -1.88
C GLU A 4 2.98 4.70 -0.65
N CYS A 5 2.91 3.36 -0.73
CA CYS A 5 3.34 2.50 0.34
C CYS A 5 4.80 2.14 0.15
N SER A 6 5.07 1.24 -0.79
CA SER A 6 6.43 0.81 -1.05
C SER A 6 6.81 1.13 -2.51
N LYS A 7 6.05 2.04 -3.09
CA LYS A 7 6.29 2.44 -4.47
C LYS A 7 7.78 2.27 -4.80
N SER A 8 8.60 2.69 -3.85
CA SER A 8 10.05 2.59 -4.02
C SER A 8 10.40 1.30 -4.77
N GLY A 9 9.57 0.29 -4.54
CA GLY A 9 9.79 -1.01 -5.18
C GLY A 9 8.49 -1.82 -5.21
N THR A 10 7.42 -1.15 -5.59
CA THR A 10 6.12 -1.80 -5.66
C THR A 10 5.47 -1.84 -4.28
N CYS A 11 4.17 -1.54 -4.26
CA CYS A 11 3.42 -1.55 -3.01
C CYS A 11 3.87 -2.75 -2.19
N ASN A 12 3.71 -2.61 -0.88
CA ASN A 12 4.10 -3.67 0.04
C ASN A 12 3.14 -3.67 1.24
N CYS A 13 1.85 -3.81 0.93
CA CYS A 13 0.82 -3.83 1.96
C CYS A 13 0.64 -5.25 2.47
N GLY A 14 1.71 -6.03 2.46
CA GLY A 14 1.64 -7.40 2.93
C GLY A 14 0.69 -7.53 4.12
N GLY A 15 1.21 -7.21 5.30
CA GLY A 15 0.43 -7.29 6.51
C GLY A 15 -0.68 -6.24 6.51
N SER A 16 -0.89 -5.64 7.67
CA SER A 16 -1.91 -4.62 7.83
C SER A 16 -1.40 -3.29 7.29
N CYS A 17 -2.32 -2.49 6.78
CA CYS A 17 -1.98 -1.19 6.23
C CYS A 17 -1.35 -0.36 7.35
N THR A 18 -0.21 0.24 7.03
CA THR A 18 0.50 1.06 7.99
C THR A 18 0.47 2.54 7.56
N CYS A 19 0.39 2.73 6.25
CA CYS A 19 0.36 4.08 5.69
C CYS A 19 -1.02 4.66 5.95
N THR A 20 -1.13 5.96 5.69
CA THR A 20 -2.39 6.66 5.89
C THR A 20 -3.09 6.89 4.55
N ASN A 21 -4.41 6.72 4.57
CA ASN A 21 -5.19 6.91 3.36
C ASN A 21 -4.66 6.01 2.26
N CYS A 22 -4.94 4.71 2.40
CA CYS A 22 -4.50 3.71 1.44
C CYS A 22 -5.62 3.45 0.43
N SER A 23 -5.31 2.71 -0.61
CA SER A 23 -6.31 2.40 -1.63
C SER A 23 -5.71 1.45 -2.66
N CYS A 24 -5.36 0.25 -2.20
CA CYS A 24 -4.79 -0.75 -3.09
C CYS A 24 -5.71 -1.97 -3.08
N LYS A 25 -5.78 -2.62 -4.24
CA LYS A 25 -6.60 -3.80 -4.39
C LYS A 25 -5.84 -5.02 -3.89
N SER A 26 -4.54 -4.84 -3.71
CA SER A 26 -3.69 -5.92 -3.24
C SER A 26 -3.54 -5.84 -1.72
N CYS A 27 -4.41 -5.06 -1.11
CA CYS A 27 -4.38 -4.89 0.34
C CYS A 27 -5.83 -4.75 0.83
N LYS A 28 -6.57 -3.88 0.16
CA LYS A 28 -7.96 -3.65 0.52
C LYS A 28 -8.84 -4.62 -0.27
N ASP A 1 -4.74 6.91 -7.11
CA ASP A 1 -3.72 7.72 -6.47
C ASP A 1 -2.57 6.82 -6.02
N PRO A 2 -1.33 7.26 -6.37
CA PRO A 2 -0.13 6.52 -6.01
C PRO A 2 0.18 6.66 -4.52
N CYS A 3 0.90 5.67 -4.01
CA CYS A 3 1.28 5.68 -2.60
C CYS A 3 2.65 5.02 -2.47
N GLU A 4 3.25 5.19 -1.30
CA GLU A 4 4.56 4.63 -1.03
C GLU A 4 4.69 3.25 -1.70
N CYS A 5 3.55 2.56 -1.77
CA CYS A 5 3.49 1.24 -2.39
C CYS A 5 4.16 1.28 -3.75
N SER A 6 3.75 2.22 -4.59
CA SER A 6 4.33 2.34 -5.92
C SER A 6 5.34 3.49 -5.95
N LYS A 7 5.73 3.92 -4.76
CA LYS A 7 6.70 5.00 -4.63
C LYS A 7 7.94 4.50 -3.88
N SER A 8 7.74 4.27 -2.59
CA SER A 8 8.81 3.79 -1.74
C SER A 8 9.61 2.70 -2.47
N GLY A 9 8.86 1.74 -3.02
CA GLY A 9 9.48 0.64 -3.74
C GLY A 9 8.87 -0.69 -3.32
N THR A 10 8.01 -1.22 -4.18
CA THR A 10 7.35 -2.49 -3.92
C THR A 10 6.27 -2.30 -2.85
N CYS A 11 5.23 -3.13 -2.96
CA CYS A 11 4.13 -3.07 -2.01
C CYS A 11 4.24 -4.28 -1.10
N ASN A 12 3.76 -4.10 0.13
CA ASN A 12 3.79 -5.17 1.12
C ASN A 12 2.57 -5.05 2.02
N CYS A 13 1.39 -5.03 1.38
CA CYS A 13 0.13 -4.93 2.10
C CYS A 13 -0.45 -6.32 2.29
N GLY A 14 0.42 -7.31 2.47
CA GLY A 14 -0.04 -8.68 2.67
C GLY A 14 -0.25 -8.98 4.16
N GLY A 15 -1.16 -8.21 4.75
CA GLY A 15 -1.46 -8.38 6.16
C GLY A 15 -2.02 -7.09 6.76
N SER A 16 -1.16 -6.08 6.81
CA SER A 16 -1.54 -4.79 7.35
C SER A 16 -1.05 -3.67 6.44
N CYS A 17 -1.61 -2.49 6.64
CA CYS A 17 -1.24 -1.33 5.84
C CYS A 17 -0.25 -0.49 6.66
N THR A 18 0.72 0.07 5.95
CA THR A 18 1.73 0.89 6.59
C THR A 18 1.72 2.31 6.00
N CYS A 19 1.41 2.38 4.72
CA CYS A 19 1.36 3.66 4.03
C CYS A 19 0.00 4.30 4.30
N THR A 20 -0.23 5.44 3.66
CA THR A 20 -1.48 6.16 3.83
C THR A 20 -2.23 6.23 2.49
N ASN A 21 -3.50 6.57 2.60
CA ASN A 21 -4.33 6.69 1.41
C ASN A 21 -3.99 5.57 0.43
N CYS A 22 -4.22 4.33 0.89
CA CYS A 22 -3.93 3.15 0.09
C CYS A 22 -5.21 2.72 -0.63
N SER A 23 -5.09 1.70 -1.47
CA SER A 23 -6.25 1.21 -2.21
C SER A 23 -5.87 -0.05 -2.99
N CYS A 24 -4.97 -0.83 -2.41
CA CYS A 24 -4.52 -2.05 -3.03
C CYS A 24 -5.61 -3.10 -2.89
N LYS A 25 -5.71 -3.66 -1.68
CA LYS A 25 -6.70 -4.67 -1.39
C LYS A 25 -6.28 -5.46 -0.15
N SER A 26 -7.29 -5.87 0.60
CA SER A 26 -7.04 -6.64 1.82
C SER A 26 -6.40 -5.73 2.88
N CYS A 27 -6.34 -4.45 2.55
CA CYS A 27 -5.75 -3.47 3.46
C CYS A 27 -6.75 -2.33 3.65
N LYS A 28 -7.30 -1.88 2.54
CA LYS A 28 -8.27 -0.80 2.57
C LYS A 28 -9.60 -1.30 2.01
N ASP A 1 -1.62 8.99 -10.03
CA ASP A 1 -0.57 8.82 -9.04
C ASP A 1 -0.99 7.74 -8.04
N PRO A 2 -0.13 6.69 -7.92
CA PRO A 2 -0.41 5.60 -7.01
C PRO A 2 -0.16 6.02 -5.56
N CYS A 3 -0.59 5.16 -4.65
CA CYS A 3 -0.42 5.43 -3.23
C CYS A 3 1.00 5.01 -2.82
N GLU A 4 1.51 5.67 -1.79
CA GLU A 4 2.84 5.38 -1.30
C GLU A 4 2.79 4.29 -0.22
N CYS A 5 2.73 3.05 -0.70
CA CYS A 5 2.68 1.90 0.18
C CYS A 5 4.05 1.65 0.79
N SER A 6 4.97 1.17 -0.03
CA SER A 6 6.33 0.90 0.45
C SER A 6 7.32 1.82 -0.26
N LYS A 7 7.05 2.06 -1.54
CA LYS A 7 7.92 2.92 -2.32
C LYS A 7 9.16 2.13 -2.77
N SER A 8 9.77 1.45 -1.81
CA SER A 8 10.94 0.66 -2.08
C SER A 8 10.88 0.10 -3.50
N GLY A 9 9.70 -0.39 -3.86
CA GLY A 9 9.49 -0.95 -5.19
C GLY A 9 8.20 -1.77 -5.24
N THR A 10 7.17 -1.14 -5.76
CA THR A 10 5.88 -1.80 -5.87
C THR A 10 5.15 -1.81 -4.52
N CYS A 11 3.84 -1.78 -4.58
CA CYS A 11 3.03 -1.79 -3.37
C CYS A 11 3.48 -2.97 -2.50
N ASN A 12 3.13 -2.90 -1.23
CA ASN A 12 3.48 -3.95 -0.29
C ASN A 12 2.48 -3.96 0.86
N CYS A 13 1.20 -4.15 0.50
CA CYS A 13 0.13 -4.19 1.47
C CYS A 13 -0.13 -5.63 1.87
N GLY A 14 0.90 -6.46 1.88
CA GLY A 14 0.75 -7.85 2.24
C GLY A 14 0.73 -8.02 3.77
N GLY A 15 1.88 -7.76 4.37
CA GLY A 15 2.01 -7.88 5.81
C GLY A 15 0.90 -7.12 6.53
N SER A 16 1.01 -5.81 6.54
CA SER A 16 0.02 -4.96 7.18
C SER A 16 0.07 -3.54 6.60
N CYS A 17 -1.07 -3.06 6.16
CA CYS A 17 -1.17 -1.73 5.59
C CYS A 17 -0.79 -0.72 6.66
N THR A 18 0.02 0.26 6.26
CA THR A 18 0.45 1.29 7.18
C THR A 18 0.14 2.68 6.61
N CYS A 19 0.34 2.81 5.31
CA CYS A 19 0.08 4.08 4.63
C CYS A 19 -1.35 4.51 4.97
N THR A 20 -1.67 5.73 4.56
CA THR A 20 -2.99 6.28 4.82
C THR A 20 -3.69 6.58 3.49
N ASN A 21 -5.02 6.48 3.53
CA ASN A 21 -5.83 6.73 2.35
C ASN A 21 -5.39 5.79 1.22
N CYS A 22 -5.38 4.51 1.53
CA CYS A 22 -4.99 3.48 0.59
C CYS A 22 -6.23 2.91 -0.09
N SER A 23 -6.02 2.10 -1.12
CA SER A 23 -7.14 1.50 -1.82
C SER A 23 -6.63 0.47 -2.84
N CYS A 24 -5.96 -0.54 -2.31
CA CYS A 24 -5.40 -1.59 -3.15
C CYS A 24 -6.41 -2.74 -3.20
N LYS A 25 -6.20 -3.71 -2.32
CA LYS A 25 -7.07 -4.87 -2.25
C LYS A 25 -6.63 -5.77 -1.09
N SER A 26 -5.32 -5.85 -0.91
CA SER A 26 -4.76 -6.67 0.14
C SER A 26 -4.98 -5.99 1.50
N CYS A 27 -5.62 -4.82 1.45
CA CYS A 27 -5.90 -4.08 2.66
C CYS A 27 -7.39 -3.73 2.67
N LYS A 28 -7.86 -3.22 1.54
CA LYS A 28 -9.25 -2.84 1.41
C LYS A 28 -10.09 -4.09 1.11
N ASP A 1 -0.15 12.93 -2.07
CA ASP A 1 0.94 12.00 -2.34
C ASP A 1 0.45 10.58 -2.16
N PRO A 2 0.78 9.72 -3.17
CA PRO A 2 0.38 8.32 -3.13
C PRO A 2 1.24 7.53 -2.14
N CYS A 3 0.75 6.35 -1.80
CA CYS A 3 1.46 5.49 -0.86
C CYS A 3 2.60 4.80 -1.61
N GLU A 4 3.56 4.31 -0.85
CA GLU A 4 4.71 3.64 -1.42
C GLU A 4 4.42 2.15 -1.58
N CYS A 5 3.26 1.86 -2.19
CA CYS A 5 2.84 0.49 -2.42
C CYS A 5 3.39 0.00 -3.75
N SER A 6 3.18 0.77 -4.81
CA SER A 6 3.65 0.40 -6.12
C SER A 6 4.89 1.23 -6.48
N LYS A 7 4.89 2.47 -6.01
CA LYS A 7 5.99 3.37 -6.27
C LYS A 7 7.30 2.72 -5.82
N SER A 8 7.38 2.46 -4.51
CA SER A 8 8.57 1.85 -3.95
C SER A 8 9.05 0.70 -4.85
N GLY A 9 8.12 -0.21 -5.13
CA GLY A 9 8.43 -1.35 -5.97
C GLY A 9 7.74 -2.62 -5.45
N THR A 10 7.84 -2.82 -4.15
CA THR A 10 7.23 -3.97 -3.52
C THR A 10 6.27 -3.54 -2.42
N CYS A 11 4.98 -3.56 -2.75
CA CYS A 11 3.95 -3.17 -1.80
C CYS A 11 4.25 -3.84 -0.46
N ASN A 12 4.62 -3.03 0.50
CA ASN A 12 4.94 -3.53 1.83
C ASN A 12 3.74 -3.32 2.76
N CYS A 13 2.55 -3.29 2.14
CA CYS A 13 1.31 -3.11 2.87
C CYS A 13 0.56 -4.42 2.93
N GLY A 14 1.04 -5.43 2.22
CA GLY A 14 0.40 -6.73 2.22
C GLY A 14 -0.15 -7.08 3.61
N GLY A 15 0.70 -6.86 4.61
CA GLY A 15 0.32 -7.15 5.98
C GLY A 15 -0.03 -5.87 6.73
N SER A 16 0.99 -5.27 7.33
CA SER A 16 0.80 -4.03 8.08
C SER A 16 0.55 -2.88 7.12
N CYS A 17 -0.69 -2.40 7.13
CA CYS A 17 -1.07 -1.30 6.26
C CYS A 17 -1.21 -0.04 7.13
N THR A 18 -0.77 1.07 6.56
CA THR A 18 -0.83 2.34 7.27
C THR A 18 -1.34 3.45 6.34
N CYS A 19 -0.85 3.41 5.11
CA CYS A 19 -1.23 4.39 4.11
C CYS A 19 -2.77 4.49 4.11
N THR A 20 -3.24 5.68 3.76
CA THR A 20 -4.68 5.92 3.71
C THR A 20 -5.18 5.84 2.27
N ASN A 21 -4.42 6.44 1.37
CA ASN A 21 -4.78 6.45 -0.03
C ASN A 21 -4.27 5.16 -0.69
N CYS A 22 -4.74 4.03 -0.15
CA CYS A 22 -4.36 2.72 -0.65
C CYS A 22 -5.38 2.26 -1.67
N SER A 23 -5.14 1.09 -2.26
CA SER A 23 -6.06 0.55 -3.25
C SER A 23 -5.76 -0.92 -3.49
N CYS A 24 -5.29 -1.58 -2.45
CA CYS A 24 -4.96 -2.99 -2.54
C CYS A 24 -6.14 -3.80 -2.02
N LYS A 25 -6.38 -4.93 -2.67
CA LYS A 25 -7.48 -5.79 -2.28
C LYS A 25 -7.01 -6.74 -1.17
N SER A 26 -5.80 -7.24 -1.33
CA SER A 26 -5.23 -8.16 -0.35
C SER A 26 -5.09 -7.45 1.00
N CYS A 27 -5.26 -6.14 0.97
CA CYS A 27 -5.16 -5.34 2.17
C CYS A 27 -6.58 -4.92 2.59
N LYS A 28 -7.48 -5.00 1.63
CA LYS A 28 -8.87 -4.62 1.88
C LYS A 28 -9.80 -5.72 1.36
N ASP A 1 -1.26 11.41 -6.74
CA ASP A 1 -0.11 10.82 -6.07
C ASP A 1 -0.45 9.38 -5.65
N PRO A 2 0.42 8.44 -6.06
CA PRO A 2 0.22 7.04 -5.73
C PRO A 2 0.57 6.77 -4.27
N CYS A 3 0.18 5.59 -3.81
CA CYS A 3 0.44 5.20 -2.43
C CYS A 3 1.91 4.80 -2.32
N GLU A 4 2.42 4.90 -1.10
CA GLU A 4 3.81 4.55 -0.83
C GLU A 4 4.11 3.14 -1.33
N CYS A 5 3.03 2.36 -1.51
CA CYS A 5 3.14 0.99 -1.97
C CYS A 5 4.02 0.95 -3.21
N SER A 6 3.73 1.80 -4.19
CA SER A 6 4.49 1.84 -5.42
C SER A 6 5.75 2.69 -5.22
N LYS A 7 5.68 3.58 -4.23
CA LYS A 7 6.80 4.46 -3.93
C LYS A 7 8.07 3.62 -3.79
N SER A 8 8.03 2.70 -2.83
CA SER A 8 9.17 1.83 -2.59
C SER A 8 9.49 1.02 -3.83
N GLY A 9 8.44 0.66 -4.56
CA GLY A 9 8.60 -0.12 -5.78
C GLY A 9 7.84 -1.44 -5.68
N THR A 10 7.67 -1.91 -4.44
CA THR A 10 6.96 -3.16 -4.21
C THR A 10 5.94 -2.98 -3.09
N CYS A 11 4.68 -3.24 -3.43
CA CYS A 11 3.60 -3.12 -2.47
C CYS A 11 3.84 -4.14 -1.35
N ASN A 12 4.54 -3.69 -0.33
CA ASN A 12 4.84 -4.55 0.81
C ASN A 12 3.77 -4.36 1.88
N CYS A 13 2.60 -3.89 1.44
CA CYS A 13 1.47 -3.65 2.33
C CYS A 13 0.59 -4.89 2.36
N GLY A 14 0.93 -5.90 1.57
CA GLY A 14 0.15 -7.13 1.53
C GLY A 14 0.04 -7.74 2.93
N GLY A 15 -0.94 -7.26 3.67
CA GLY A 15 -1.17 -7.75 5.02
C GLY A 15 -1.62 -6.62 5.95
N SER A 16 -0.72 -6.21 6.82
CA SER A 16 -1.01 -5.14 7.76
C SER A 16 -0.25 -3.88 7.37
N CYS A 17 -0.93 -3.03 6.62
CA CYS A 17 -0.33 -1.78 6.18
C CYS A 17 -0.85 -0.65 7.06
N THR A 18 -0.15 0.46 7.02
CA THR A 18 -0.53 1.62 7.82
C THR A 18 -0.91 2.79 6.90
N CYS A 19 -0.43 2.72 5.67
CA CYS A 19 -0.71 3.76 4.70
C CYS A 19 -2.23 4.01 4.69
N THR A 20 -2.58 5.28 4.50
CA THR A 20 -3.99 5.66 4.47
C THR A 20 -4.47 5.77 3.02
N ASN A 21 -3.65 6.39 2.20
CA ASN A 21 -3.98 6.56 0.79
C ASN A 21 -3.59 5.30 0.02
N CYS A 22 -4.17 4.17 0.45
CA CYS A 22 -3.91 2.89 -0.17
C CYS A 22 -4.99 2.60 -1.20
N SER A 23 -4.83 1.51 -1.94
CA SER A 23 -5.81 1.14 -2.95
C SER A 23 -5.60 -0.31 -3.37
N CYS A 24 -5.26 -1.13 -2.39
CA CYS A 24 -5.02 -2.55 -2.65
C CYS A 24 -6.03 -3.35 -1.83
N LYS A 25 -5.61 -4.56 -1.45
CA LYS A 25 -6.46 -5.44 -0.68
C LYS A 25 -5.73 -5.84 0.60
N SER A 26 -6.17 -6.95 1.19
CA SER A 26 -5.57 -7.45 2.40
C SER A 26 -5.43 -6.32 3.42
N CYS A 27 -6.23 -5.28 3.23
CA CYS A 27 -6.20 -4.13 4.11
C CYS A 27 -7.55 -3.41 4.01
N LYS A 28 -7.98 -3.21 2.78
CA LYS A 28 -9.25 -2.54 2.53
C LYS A 28 -10.16 -3.45 1.72
N ASP A 1 3.04 3.12 -8.80
CA ASP A 1 2.22 2.47 -7.80
C ASP A 1 1.36 3.52 -7.10
N PRO A 2 0.06 3.16 -6.91
CA PRO A 2 -0.88 4.05 -6.26
C PRO A 2 -0.64 4.10 -4.75
N CYS A 3 -1.03 5.22 -4.15
CA CYS A 3 -0.86 5.40 -2.72
C CYS A 3 0.63 5.27 -2.39
N GLU A 4 0.98 5.77 -1.22
CA GLU A 4 2.37 5.71 -0.77
C GLU A 4 2.60 4.47 0.10
N CYS A 5 2.35 3.31 -0.49
CA CYS A 5 2.52 2.04 0.20
C CYS A 5 3.98 1.86 0.57
N SER A 6 4.83 1.66 -0.43
CA SER A 6 6.25 1.47 -0.18
C SER A 6 7.06 2.60 -0.83
N LYS A 7 6.38 3.35 -1.69
CA LYS A 7 7.01 4.45 -2.39
C LYS A 7 7.97 3.90 -3.43
N SER A 8 8.93 3.12 -2.95
CA SER A 8 9.92 2.53 -3.84
C SER A 8 9.27 2.14 -5.17
N GLY A 9 8.23 1.32 -5.07
CA GLY A 9 7.53 0.87 -6.26
C GLY A 9 6.68 -0.37 -5.95
N THR A 10 7.32 -1.33 -5.29
CA THR A 10 6.64 -2.56 -4.93
C THR A 10 5.82 -2.38 -3.65
N CYS A 11 4.55 -2.08 -3.84
CA CYS A 11 3.65 -1.86 -2.71
C CYS A 11 3.85 -3.02 -1.72
N ASN A 12 4.47 -2.69 -0.60
CA ASN A 12 4.72 -3.68 0.43
C ASN A 12 3.61 -3.62 1.48
N CYS A 13 2.45 -3.12 1.05
CA CYS A 13 1.30 -2.99 1.91
C CYS A 13 0.47 -4.26 1.86
N GLY A 14 0.89 -5.21 1.03
CA GLY A 14 0.18 -6.47 0.90
C GLY A 14 -0.45 -6.88 2.24
N GLY A 15 0.38 -6.83 3.28
CA GLY A 15 -0.08 -7.20 4.61
C GLY A 15 -0.56 -5.97 5.38
N SER A 16 -0.32 -6.00 6.68
CA SER A 16 -0.72 -4.90 7.54
C SER A 16 -0.02 -3.62 7.11
N CYS A 17 -0.71 -2.85 6.27
CA CYS A 17 -0.16 -1.60 5.78
C CYS A 17 -0.38 -0.52 6.86
N THR A 18 0.48 0.49 6.81
CA THR A 18 0.39 1.58 7.77
C THR A 18 0.37 2.93 7.05
N CYS A 19 0.08 2.86 5.76
CA CYS A 19 0.03 4.06 4.94
C CYS A 19 -1.38 4.65 5.03
N THR A 20 -1.50 5.89 4.58
CA THR A 20 -2.79 6.56 4.60
C THR A 20 -3.41 6.59 3.21
N ASN A 21 -4.74 6.68 3.19
CA ASN A 21 -5.46 6.71 1.92
C ASN A 21 -4.92 5.61 1.00
N CYS A 22 -5.23 4.37 1.37
CA CYS A 22 -4.80 3.21 0.61
C CYS A 22 -5.91 2.78 -0.33
N SER A 23 -5.61 1.83 -1.21
CA SER A 23 -6.61 1.35 -2.15
C SER A 23 -6.13 0.05 -2.79
N CYS A 24 -5.87 -0.93 -1.94
CA CYS A 24 -5.41 -2.23 -2.41
C CYS A 24 -6.38 -3.30 -1.90
N LYS A 25 -6.70 -4.23 -2.79
CA LYS A 25 -7.62 -5.31 -2.44
C LYS A 25 -6.88 -6.33 -1.58
N SER A 26 -5.59 -6.10 -1.42
CA SER A 26 -4.76 -7.00 -0.63
C SER A 26 -4.73 -6.53 0.83
N CYS A 27 -5.60 -5.57 1.13
CA CYS A 27 -5.67 -5.03 2.47
C CYS A 27 -7.12 -4.61 2.73
N LYS A 28 -7.69 -3.89 1.78
CA LYS A 28 -9.05 -3.43 1.90
C LYS A 28 -9.99 -4.43 1.20
N ASP A 1 5.95 6.11 -7.04
CA ASP A 1 4.79 5.24 -6.93
C ASP A 1 3.72 5.95 -6.10
N PRO A 2 2.47 5.92 -6.63
CA PRO A 2 1.35 6.56 -5.95
C PRO A 2 0.89 5.72 -4.76
N CYS A 3 0.10 6.35 -3.90
CA CYS A 3 -0.41 5.67 -2.72
C CYS A 3 0.77 5.33 -1.81
N GLU A 4 0.48 5.26 -0.52
CA GLU A 4 1.50 4.95 0.47
C GLU A 4 1.60 3.44 0.67
N CYS A 5 1.59 2.72 -0.45
CA CYS A 5 1.67 1.27 -0.44
C CYS A 5 3.08 0.85 -0.01
N SER A 6 4.03 0.95 -0.91
CA SER A 6 5.40 0.58 -0.60
C SER A 6 6.33 1.77 -0.84
N LYS A 7 5.92 2.64 -1.75
CA LYS A 7 6.70 3.81 -2.08
C LYS A 7 7.85 3.42 -3.02
N SER A 8 8.63 2.45 -2.58
CA SER A 8 9.75 1.97 -3.37
C SER A 8 9.35 1.89 -4.85
N GLY A 9 8.26 1.19 -5.10
CA GLY A 9 7.76 1.04 -6.45
C GLY A 9 6.78 -0.13 -6.55
N THR A 10 6.98 -1.11 -5.66
CA THR A 10 6.13 -2.28 -5.64
C THR A 10 5.36 -2.35 -4.32
N CYS A 11 4.03 -2.20 -4.44
CA CYS A 11 3.17 -2.25 -3.27
C CYS A 11 3.68 -3.34 -2.33
N ASN A 12 3.54 -3.10 -1.04
CA ASN A 12 3.97 -4.05 -0.05
C ASN A 12 2.97 -4.06 1.11
N CYS A 13 1.70 -4.25 0.76
CA CYS A 13 0.62 -4.28 1.75
C CYS A 13 0.50 -5.69 2.31
N GLY A 14 1.61 -6.41 2.39
CA GLY A 14 1.59 -7.77 2.90
C GLY A 14 1.82 -7.77 4.42
N GLY A 15 2.87 -7.07 4.83
CA GLY A 15 3.20 -6.99 6.24
C GLY A 15 2.14 -6.22 7.02
N SER A 16 1.95 -4.97 6.64
CA SER A 16 0.96 -4.14 7.29
C SER A 16 0.68 -2.90 6.45
N CYS A 17 -0.60 -2.56 6.35
CA CYS A 17 -1.01 -1.40 5.58
C CYS A 17 -0.76 -0.14 6.41
N THR A 18 -0.33 0.91 5.73
CA THR A 18 -0.05 2.17 6.39
C THR A 18 -0.85 3.30 5.74
N CYS A 19 -0.91 3.26 4.42
CA CYS A 19 -1.64 4.27 3.67
C CYS A 19 -3.03 4.42 4.29
N THR A 20 -3.41 5.68 4.50
CA THR A 20 -4.71 5.97 5.10
C THR A 20 -5.81 5.76 4.07
N ASN A 21 -5.50 6.07 2.82
CA ASN A 21 -6.46 5.92 1.75
C ASN A 21 -5.85 5.04 0.65
N CYS A 22 -5.82 3.73 0.93
CA CYS A 22 -5.28 2.76 0.01
C CYS A 22 -6.22 2.61 -1.17
N SER A 23 -5.73 2.00 -2.25
CA SER A 23 -6.55 1.81 -3.43
C SER A 23 -6.46 0.35 -3.90
N CYS A 24 -5.72 -0.44 -3.14
CA CYS A 24 -5.54 -1.84 -3.46
C CYS A 24 -6.34 -2.67 -2.44
N LYS A 25 -6.34 -3.97 -2.66
CA LYS A 25 -7.05 -4.88 -1.77
C LYS A 25 -6.04 -5.60 -0.88
N SER A 26 -6.44 -6.79 -0.44
CA SER A 26 -5.59 -7.59 0.43
C SER A 26 -5.22 -6.80 1.68
N CYS A 27 -5.98 -5.73 1.91
CA CYS A 27 -5.75 -4.88 3.07
C CYS A 27 -7.01 -4.04 3.30
N LYS A 28 -7.44 -3.36 2.25
CA LYS A 28 -8.62 -2.52 2.32
C LYS A 28 -9.84 -3.31 1.84
N ASP A 1 -1.73 13.31 -1.99
CA ASP A 1 -0.67 12.38 -2.36
C ASP A 1 -1.25 10.97 -2.49
N PRO A 2 -0.94 10.33 -3.65
CA PRO A 2 -1.43 8.99 -3.91
C PRO A 2 -0.65 7.96 -3.11
N CYS A 3 -1.17 6.74 -3.09
CA CYS A 3 -0.55 5.65 -2.36
C CYS A 3 0.65 5.17 -3.17
N GLU A 4 1.63 4.62 -2.46
CA GLU A 4 2.83 4.11 -3.10
C GLU A 4 3.09 2.68 -2.65
N CYS A 5 2.38 1.75 -3.28
CA CYS A 5 2.52 0.33 -2.98
C CYS A 5 3.94 -0.11 -3.26
N SER A 6 4.37 0.01 -4.51
CA SER A 6 5.72 -0.40 -4.88
C SER A 6 6.65 0.83 -4.88
N LYS A 7 6.06 1.98 -5.19
CA LYS A 7 6.82 3.21 -5.22
C LYS A 7 7.72 3.29 -3.99
N SER A 8 7.09 3.12 -2.83
CA SER A 8 7.83 3.16 -1.57
C SER A 8 8.89 2.08 -1.54
N GLY A 9 8.60 0.99 -2.23
CA GLY A 9 9.52 -0.13 -2.29
C GLY A 9 8.77 -1.46 -2.22
N THR A 10 8.27 -1.89 -3.38
CA THR A 10 7.53 -3.14 -3.46
C THR A 10 6.29 -3.09 -2.57
N CYS A 11 5.23 -3.71 -3.04
CA CYS A 11 3.98 -3.75 -2.30
C CYS A 11 4.15 -4.74 -1.15
N ASN A 12 3.93 -4.24 0.06
CA ASN A 12 4.04 -5.06 1.25
C ASN A 12 2.79 -4.91 2.10
N CYS A 13 1.63 -4.98 1.41
CA CYS A 13 0.35 -4.86 2.06
C CYS A 13 -0.12 -6.23 2.55
N GLY A 14 0.84 -7.07 2.92
CA GLY A 14 0.51 -8.41 3.40
C GLY A 14 0.19 -8.38 4.90
N GLY A 15 -0.77 -7.56 5.26
CA GLY A 15 -1.18 -7.43 6.65
C GLY A 15 -0.44 -6.28 7.33
N SER A 16 0.02 -5.34 6.53
CA SER A 16 0.73 -4.19 7.04
C SER A 16 0.78 -3.08 5.99
N CYS A 17 -0.25 -2.26 6.00
CA CYS A 17 -0.34 -1.16 5.06
C CYS A 17 0.54 -0.02 5.56
N THR A 18 1.23 0.61 4.62
CA THR A 18 2.12 1.71 4.95
C THR A 18 1.75 2.95 4.14
N CYS A 19 1.35 2.72 2.90
CA CYS A 19 0.96 3.81 2.02
C CYS A 19 -0.44 4.28 2.42
N THR A 20 -0.70 5.56 2.17
CA THR A 20 -1.98 6.14 2.50
C THR A 20 -2.95 5.97 1.32
N ASN A 21 -4.21 6.30 1.59
CA ASN A 21 -5.25 6.20 0.58
C ASN A 21 -4.93 5.01 -0.35
N CYS A 22 -4.77 3.85 0.28
CA CYS A 22 -4.46 2.63 -0.45
C CYS A 22 -5.75 1.96 -0.88
N SER A 23 -5.65 0.98 -1.76
CA SER A 23 -6.84 0.27 -2.25
C SER A 23 -6.41 -0.86 -3.18
N CYS A 24 -5.28 -1.46 -2.87
CA CYS A 24 -4.76 -2.55 -3.68
C CYS A 24 -5.52 -3.83 -3.29
N LYS A 25 -5.58 -4.07 -1.98
CA LYS A 25 -6.25 -5.24 -1.47
C LYS A 25 -5.97 -5.37 0.03
N SER A 26 -7.00 -5.77 0.76
CA SER A 26 -6.88 -5.94 2.20
C SER A 26 -6.69 -4.57 2.86
N CYS A 27 -7.00 -3.53 2.11
CA CYS A 27 -6.87 -2.17 2.61
C CYS A 27 -8.18 -1.42 2.32
N LYS A 28 -8.54 -1.41 1.05
CA LYS A 28 -9.76 -0.75 0.63
C LYS A 28 -10.54 -1.67 -0.31
N ASP A 1 -3.00 10.87 -7.86
CA ASP A 1 -1.72 10.31 -7.47
C ASP A 1 -1.94 9.15 -6.50
N PRO A 2 -1.18 8.05 -6.73
CA PRO A 2 -1.27 6.87 -5.89
C PRO A 2 -0.61 7.10 -4.54
N CYS A 3 -0.76 6.13 -3.66
CA CYS A 3 -0.17 6.22 -2.33
C CYS A 3 1.33 5.95 -2.44
N GLU A 4 2.08 6.56 -1.54
CA GLU A 4 3.52 6.40 -1.53
C GLU A 4 3.92 5.13 -0.77
N CYS A 5 3.62 3.98 -1.39
CA CYS A 5 3.92 2.69 -0.81
C CYS A 5 5.38 2.35 -1.06
N SER A 6 5.89 2.73 -2.23
CA SER A 6 7.27 2.45 -2.57
C SER A 6 7.49 2.63 -4.06
N LYS A 7 6.44 2.37 -4.83
CA LYS A 7 6.50 2.51 -6.27
C LYS A 7 7.34 1.37 -6.85
N SER A 8 8.58 1.30 -6.37
CA SER A 8 9.50 0.26 -6.83
C SER A 8 8.72 -1.03 -7.10
N GLY A 9 8.03 -1.51 -6.07
CA GLY A 9 7.25 -2.72 -6.18
C GLY A 9 7.06 -3.38 -4.81
N THR A 10 7.95 -3.03 -3.89
CA THR A 10 7.89 -3.56 -2.55
C THR A 10 6.73 -2.93 -1.77
N CYS A 11 5.60 -3.62 -1.82
CA CYS A 11 4.41 -3.15 -1.13
C CYS A 11 4.41 -3.74 0.29
N ASN A 12 4.04 -2.90 1.24
CA ASN A 12 3.99 -3.32 2.63
C ASN A 12 2.57 -3.75 2.99
N CYS A 13 1.82 -4.12 1.94
CA CYS A 13 0.45 -4.55 2.10
C CYS A 13 0.35 -6.05 1.86
N GLY A 14 1.33 -6.80 2.34
CA GLY A 14 1.34 -8.24 2.16
C GLY A 14 1.09 -8.96 3.49
N GLY A 15 0.38 -8.27 4.38
CA GLY A 15 0.07 -8.83 5.68
C GLY A 15 -0.73 -7.84 6.52
N SER A 16 -0.34 -6.57 6.44
CA SER A 16 -1.02 -5.52 7.18
C SER A 16 -0.70 -4.17 6.57
N CYS A 17 -1.75 -3.37 6.39
CA CYS A 17 -1.60 -2.05 5.81
C CYS A 17 -1.31 -1.06 6.95
N THR A 18 -0.47 -0.08 6.64
CA THR A 18 -0.11 0.92 7.62
C THR A 18 -0.50 2.32 7.12
N CYS A 19 -0.76 2.40 5.83
CA CYS A 19 -1.15 3.66 5.23
C CYS A 19 -2.68 3.73 5.21
N THR A 20 -3.18 4.92 5.50
CA THR A 20 -4.63 5.14 5.53
C THR A 20 -5.14 5.52 4.14
N ASN A 21 -4.40 6.40 3.49
CA ASN A 21 -4.75 6.86 2.16
C ASN A 21 -4.12 5.93 1.12
N CYS A 22 -4.28 4.63 1.36
CA CYS A 22 -3.76 3.61 0.47
C CYS A 22 -4.84 3.17 -0.51
N SER A 23 -4.47 2.36 -1.48
CA SER A 23 -5.42 1.88 -2.47
C SER A 23 -4.76 0.87 -3.40
N CYS A 24 -4.17 -0.14 -2.77
CA CYS A 24 -3.50 -1.20 -3.52
C CYS A 24 -4.41 -2.43 -3.54
N LYS A 25 -4.48 -3.08 -2.40
CA LYS A 25 -5.31 -4.28 -2.27
C LYS A 25 -5.21 -4.81 -0.83
N SER A 26 -6.35 -5.20 -0.30
CA SER A 26 -6.42 -5.72 1.04
C SER A 26 -6.38 -4.57 2.06
N CYS A 27 -6.49 -3.36 1.53
CA CYS A 27 -6.46 -2.18 2.37
C CYS A 27 -7.89 -1.62 2.45
N LYS A 28 -8.47 -1.40 1.28
CA LYS A 28 -9.83 -0.87 1.21
C LYS A 28 -10.60 -1.62 0.12
N ASP A 1 0.83 11.33 -7.89
CA ASP A 1 1.67 10.60 -6.95
C ASP A 1 0.81 9.57 -6.20
N PRO A 2 1.27 8.29 -6.25
CA PRO A 2 0.56 7.22 -5.59
C PRO A 2 0.78 7.27 -4.08
N CYS A 3 -0.01 6.49 -3.36
CA CYS A 3 0.09 6.43 -1.92
C CYS A 3 1.32 5.60 -1.54
N GLU A 4 1.82 5.83 -0.34
CA GLU A 4 2.98 5.11 0.14
C GLU A 4 2.64 3.64 0.36
N CYS A 5 2.56 2.91 -0.76
CA CYS A 5 2.25 1.49 -0.73
C CYS A 5 3.45 0.71 -0.22
N SER A 6 4.50 0.63 -1.02
CA SER A 6 5.70 -0.10 -0.61
C SER A 6 6.89 0.87 -0.57
N LYS A 7 6.87 1.84 -1.47
CA LYS A 7 7.94 2.82 -1.55
C LYS A 7 9.08 2.25 -2.39
N SER A 8 9.55 1.08 -1.98
CA SER A 8 10.64 0.43 -2.68
C SER A 8 10.46 0.58 -4.19
N GLY A 9 9.24 0.32 -4.63
CA GLY A 9 8.92 0.42 -6.06
C GLY A 9 7.73 -0.47 -6.42
N THR A 10 7.52 -1.49 -5.60
CA THR A 10 6.43 -2.42 -5.83
C THR A 10 5.56 -2.52 -4.56
N CYS A 11 4.31 -2.13 -4.71
CA CYS A 11 3.37 -2.17 -3.60
C CYS A 11 3.60 -3.46 -2.83
N ASN A 12 3.37 -3.39 -1.53
CA ASN A 12 3.55 -4.54 -0.68
C ASN A 12 2.62 -4.42 0.54
N CYS A 13 1.32 -4.34 0.26
CA CYS A 13 0.32 -4.22 1.29
C CYS A 13 0.04 -5.60 1.90
N GLY A 14 0.87 -6.57 1.55
CA GLY A 14 0.69 -7.91 2.08
C GLY A 14 0.93 -7.95 3.59
N GLY A 15 1.89 -7.14 4.03
CA GLY A 15 2.22 -7.07 5.44
C GLY A 15 1.67 -5.78 6.07
N SER A 16 0.35 -5.75 6.19
CA SER A 16 -0.32 -4.59 6.77
C SER A 16 -0.18 -3.38 5.84
N CYS A 17 -1.03 -2.40 6.06
CA CYS A 17 -1.02 -1.19 5.25
C CYS A 17 -0.46 -0.05 6.10
N THR A 18 0.33 0.80 5.45
CA THR A 18 0.93 1.93 6.13
C THR A 18 0.46 3.24 5.51
N CYS A 19 -0.07 3.13 4.31
CA CYS A 19 -0.57 4.29 3.60
C CYS A 19 -2.08 4.38 3.81
N THR A 20 -2.62 5.55 3.50
CA THR A 20 -4.06 5.78 3.66
C THR A 20 -4.73 5.88 2.29
N ASN A 21 -6.03 6.14 2.33
CA ASN A 21 -6.80 6.26 1.11
C ASN A 21 -6.32 5.21 0.09
N CYS A 22 -5.88 4.07 0.63
CA CYS A 22 -5.40 2.98 -0.18
C CYS A 22 -6.57 2.15 -0.68
N SER A 23 -6.30 1.21 -1.58
CA SER A 23 -7.35 0.37 -2.12
C SER A 23 -6.74 -0.78 -2.93
N CYS A 24 -5.99 -1.62 -2.23
CA CYS A 24 -5.34 -2.75 -2.87
C CYS A 24 -6.11 -4.02 -2.47
N LYS A 25 -5.70 -4.58 -1.35
CA LYS A 25 -6.34 -5.79 -0.85
C LYS A 25 -5.73 -6.16 0.50
N SER A 26 -6.60 -6.60 1.41
CA SER A 26 -6.17 -6.98 2.74
C SER A 26 -5.83 -5.74 3.55
N CYS A 27 -6.17 -4.59 2.99
CA CYS A 27 -5.91 -3.32 3.66
C CYS A 27 -7.19 -2.49 3.63
N LYS A 28 -7.79 -2.40 2.44
CA LYS A 28 -9.02 -1.66 2.27
C LYS A 28 -9.99 -2.47 1.42
N ASP A 1 1.18 7.39 -8.96
CA ASP A 1 0.26 6.76 -8.03
C ASP A 1 0.71 7.05 -6.60
N PRO A 2 -0.28 7.43 -5.74
CA PRO A 2 0.00 7.74 -4.35
C PRO A 2 0.25 6.47 -3.55
N CYS A 3 0.74 6.65 -2.34
CA CYS A 3 1.02 5.53 -1.46
C CYS A 3 2.41 4.98 -1.82
N GLU A 4 3.12 4.55 -0.80
CA GLU A 4 4.45 3.99 -0.99
C GLU A 4 4.37 2.65 -1.73
N CYS A 5 3.14 2.14 -1.82
CA CYS A 5 2.88 0.88 -2.48
C CYS A 5 3.32 0.97 -3.94
N SER A 6 2.76 1.94 -4.67
CA SER A 6 3.12 2.11 -6.07
C SER A 6 4.35 2.99 -6.20
N LYS A 7 4.46 3.95 -5.27
CA LYS A 7 5.59 4.85 -5.27
C LYS A 7 6.88 4.08 -4.97
N SER A 8 7.01 3.70 -3.71
CA SER A 8 8.18 2.96 -3.28
C SER A 8 8.50 1.85 -4.28
N GLY A 9 7.46 1.07 -4.59
CA GLY A 9 7.61 -0.02 -5.53
C GLY A 9 7.23 -1.35 -4.88
N THR A 10 7.92 -1.68 -3.81
CA THR A 10 7.66 -2.91 -3.09
C THR A 10 6.60 -2.70 -2.01
N CYS A 11 5.34 -2.85 -2.42
CA CYS A 11 4.24 -2.67 -1.51
C CYS A 11 4.51 -3.51 -0.26
N ASN A 12 4.90 -2.82 0.80
CA ASN A 12 5.18 -3.49 2.06
C ASN A 12 3.96 -3.39 2.98
N CYS A 13 2.80 -3.21 2.35
CA CYS A 13 1.54 -3.09 3.07
C CYS A 13 0.83 -4.44 3.05
N GLY A 14 1.36 -5.39 2.29
CA GLY A 14 0.76 -6.70 2.20
C GLY A 14 0.43 -7.24 3.60
N GLY A 15 -0.83 -7.15 3.97
CA GLY A 15 -1.28 -7.62 5.26
C GLY A 15 -1.61 -6.46 6.19
N SER A 16 -0.89 -6.40 7.30
CA SER A 16 -1.09 -5.34 8.26
C SER A 16 -0.90 -3.97 7.61
N CYS A 17 -1.98 -3.47 7.02
CA CYS A 17 -1.94 -2.19 6.35
C CYS A 17 -1.52 -1.13 7.37
N THR A 18 -0.65 -0.24 6.94
CA THR A 18 -0.17 0.83 7.80
C THR A 18 -0.14 2.16 7.04
N CYS A 19 0.32 2.09 5.80
CA CYS A 19 0.41 3.27 4.96
C CYS A 19 -0.94 4.00 5.01
N THR A 20 -0.92 5.24 4.55
CA THR A 20 -2.13 6.04 4.53
C THR A 20 -2.71 6.10 3.13
N ASN A 21 -4.03 6.22 3.08
CA ASN A 21 -4.73 6.28 1.80
C ASN A 21 -4.16 5.22 0.86
N CYS A 22 -4.55 3.98 1.10
CA CYS A 22 -4.10 2.85 0.30
C CYS A 22 -5.13 2.55 -0.77
N SER A 23 -4.79 1.66 -1.70
CA SER A 23 -5.70 1.31 -2.77
C SER A 23 -5.52 -0.17 -3.14
N CYS A 24 -4.89 -0.90 -2.23
CA CYS A 24 -4.65 -2.32 -2.44
C CYS A 24 -5.95 -3.07 -2.16
N LYS A 25 -6.17 -4.12 -2.93
CA LYS A 25 -7.36 -4.94 -2.77
C LYS A 25 -7.05 -6.12 -1.85
N SER A 26 -5.77 -6.24 -1.50
CA SER A 26 -5.34 -7.31 -0.63
C SER A 26 -5.29 -6.83 0.83
N CYS A 27 -5.92 -5.69 1.06
CA CYS A 27 -5.95 -5.11 2.39
C CYS A 27 -7.33 -4.47 2.59
N LYS A 28 -7.75 -3.70 1.61
CA LYS A 28 -9.04 -3.03 1.67
C LYS A 28 -10.08 -3.88 0.94
N ASP A 1 -1.68 13.41 -4.71
CA ASP A 1 -0.68 12.35 -4.75
C ASP A 1 -1.31 11.05 -4.29
N PRO A 2 -1.02 9.96 -5.05
CA PRO A 2 -1.55 8.65 -4.72
C PRO A 2 -0.82 8.04 -3.52
N CYS A 3 -1.30 6.87 -3.11
CA CYS A 3 -0.70 6.19 -1.98
C CYS A 3 0.62 5.56 -2.43
N GLU A 4 1.42 5.18 -1.45
CA GLU A 4 2.71 4.57 -1.73
C GLU A 4 3.17 3.73 -0.53
N CYS A 5 2.98 2.42 -0.66
CA CYS A 5 3.36 1.48 0.39
C CYS A 5 4.77 0.98 0.13
N SER A 6 4.91 0.00 -0.76
CA SER A 6 6.23 -0.54 -1.08
C SER A 6 6.52 -0.35 -2.56
N LYS A 7 5.76 0.54 -3.17
CA LYS A 7 5.94 0.82 -4.59
C LYS A 7 7.42 0.72 -4.95
N SER A 8 8.25 1.22 -4.05
CA SER A 8 9.69 1.18 -4.27
C SER A 8 10.09 -0.14 -4.93
N GLY A 9 9.32 -1.17 -4.63
CA GLY A 9 9.58 -2.48 -5.19
C GLY A 9 8.40 -3.44 -4.94
N THR A 10 7.34 -3.21 -5.69
CA THR A 10 6.14 -4.03 -5.55
C THR A 10 5.51 -3.83 -4.18
N CYS A 11 4.28 -3.31 -4.20
CA CYS A 11 3.55 -3.06 -2.98
C CYS A 11 3.81 -4.22 -2.02
N ASN A 12 3.62 -3.94 -0.73
CA ASN A 12 3.82 -4.95 0.29
C ASN A 12 2.88 -4.69 1.46
N CYS A 13 1.57 -4.70 1.15
CA CYS A 13 0.55 -4.47 2.14
C CYS A 13 0.21 -5.78 2.83
N GLY A 14 1.20 -6.65 2.97
CA GLY A 14 0.99 -7.93 3.62
C GLY A 14 0.93 -7.78 5.14
N GLY A 15 1.88 -7.00 5.65
CA GLY A 15 1.95 -6.76 7.08
C GLY A 15 0.78 -5.90 7.56
N SER A 16 0.81 -4.64 7.14
CA SER A 16 -0.24 -3.71 7.52
C SER A 16 -0.14 -2.45 6.67
N CYS A 17 -1.30 -1.88 6.36
CA CYS A 17 -1.35 -0.67 5.57
C CYS A 17 -0.68 0.46 6.36
N THR A 18 0.27 1.11 5.71
CA THR A 18 1.00 2.19 6.34
C THR A 18 0.44 3.55 5.89
N CYS A 19 -0.12 3.54 4.68
CA CYS A 19 -0.70 4.75 4.12
C CYS A 19 -2.17 4.81 4.53
N THR A 20 -2.72 6.01 4.43
CA THR A 20 -4.11 6.23 4.79
C THR A 20 -5.01 6.07 3.58
N ASN A 21 -4.69 6.82 2.53
CA ASN A 21 -5.46 6.76 1.29
C ASN A 21 -4.93 5.64 0.41
N CYS A 22 -4.80 4.45 1.03
CA CYS A 22 -4.31 3.28 0.33
C CYS A 22 -5.32 2.85 -0.72
N SER A 23 -4.94 1.89 -1.55
CA SER A 23 -5.83 1.42 -2.60
C SER A 23 -5.19 0.23 -3.33
N CYS A 24 -5.27 -0.93 -2.69
CA CYS A 24 -4.72 -2.13 -3.27
C CYS A 24 -5.74 -3.27 -3.10
N LYS A 25 -5.63 -4.25 -3.98
CA LYS A 25 -6.53 -5.39 -3.93
C LYS A 25 -5.96 -6.44 -2.97
N SER A 26 -4.77 -6.16 -2.47
CA SER A 26 -4.12 -7.06 -1.54
C SER A 26 -4.33 -6.59 -0.10
N CYS A 27 -5.19 -5.58 0.03
CA CYS A 27 -5.49 -5.02 1.33
C CYS A 27 -6.96 -4.60 1.36
N LYS A 28 -7.36 -3.92 0.28
CA LYS A 28 -8.74 -3.45 0.17
C LYS A 28 -9.60 -4.59 -0.38
N ASP A 1 1.04 12.89 -3.00
CA ASP A 1 2.03 11.84 -2.87
C ASP A 1 1.39 10.50 -3.22
N PRO A 2 2.14 9.71 -4.04
CA PRO A 2 1.65 8.40 -4.46
C PRO A 2 1.76 7.38 -3.33
N CYS A 3 1.16 6.23 -3.55
CA CYS A 3 1.17 5.16 -2.56
C CYS A 3 2.55 4.50 -2.59
N GLU A 4 3.04 4.16 -1.41
CA GLU A 4 4.34 3.52 -1.29
C GLU A 4 4.34 2.19 -2.04
N CYS A 5 3.13 1.71 -2.35
CA CYS A 5 2.95 0.46 -3.07
C CYS A 5 3.56 0.59 -4.46
N SER A 6 2.99 1.47 -5.28
CA SER A 6 3.49 1.67 -6.63
C SER A 6 4.78 2.50 -6.60
N LYS A 7 4.80 3.46 -5.68
CA LYS A 7 5.96 4.33 -5.55
C LYS A 7 7.20 3.47 -5.26
N SER A 8 7.44 3.24 -3.98
CA SER A 8 8.59 2.44 -3.56
C SER A 8 8.71 1.21 -4.46
N GLY A 9 7.58 0.58 -4.71
CA GLY A 9 7.57 -0.61 -5.55
C GLY A 9 7.51 -1.88 -4.70
N THR A 10 6.80 -1.77 -3.59
CA THR A 10 6.67 -2.90 -2.68
C THR A 10 5.38 -2.77 -1.86
N CYS A 11 4.42 -3.64 -2.18
CA CYS A 11 3.15 -3.63 -1.49
C CYS A 11 3.41 -3.86 0.00
N ASN A 12 3.09 -2.84 0.78
CA ASN A 12 3.29 -2.90 2.22
C ASN A 12 1.99 -3.37 2.89
N CYS A 13 1.18 -4.07 2.09
CA CYS A 13 -0.09 -4.60 2.58
C CYS A 13 0.04 -6.10 2.81
N GLY A 14 1.17 -6.52 3.32
CA GLY A 14 1.40 -7.94 3.59
C GLY A 14 1.31 -8.24 5.09
N GLY A 15 1.99 -7.41 5.86
CA GLY A 15 2.00 -7.57 7.31
C GLY A 15 0.94 -6.69 7.96
N SER A 16 0.97 -5.41 7.62
CA SER A 16 0.02 -4.46 8.17
C SER A 16 0.01 -3.18 7.34
N CYS A 17 -1.05 -3.02 6.57
CA CYS A 17 -1.20 -1.86 5.72
C CYS A 17 -1.10 -0.61 6.59
N THR A 18 -0.44 0.41 6.06
CA THR A 18 -0.28 1.66 6.78
C THR A 18 -0.78 2.83 5.94
N CYS A 19 -0.49 2.76 4.65
CA CYS A 19 -0.90 3.81 3.73
C CYS A 19 -2.42 3.99 3.85
N THR A 20 -2.84 5.24 3.81
CA THR A 20 -4.26 5.56 3.93
C THR A 20 -4.90 5.63 2.53
N ASN A 21 -4.18 6.29 1.63
CA ASN A 21 -4.66 6.45 0.27
C ASN A 21 -4.27 5.20 -0.55
N CYS A 22 -4.64 4.04 -0.02
CA CYS A 22 -4.35 2.78 -0.67
C CYS A 22 -5.56 2.33 -1.48
N SER A 23 -5.42 1.24 -2.23
CA SER A 23 -6.50 0.74 -3.04
C SER A 23 -6.21 -0.69 -3.49
N CYS A 24 -5.46 -1.40 -2.66
CA CYS A 24 -5.09 -2.77 -2.95
C CYS A 24 -6.09 -3.69 -2.24
N LYS A 25 -6.31 -4.85 -2.85
CA LYS A 25 -7.24 -5.82 -2.30
C LYS A 25 -6.52 -6.63 -1.21
N SER A 26 -5.23 -6.37 -1.06
CA SER A 26 -4.43 -7.06 -0.08
C SER A 26 -4.59 -6.39 1.29
N CYS A 27 -5.53 -5.45 1.35
CA CYS A 27 -5.79 -4.73 2.58
C CYS A 27 -7.31 -4.55 2.71
N LYS A 28 -7.90 -4.07 1.63
CA LYS A 28 -9.35 -3.84 1.62
C LYS A 28 -10.06 -5.16 1.28
#